data_8VLH
#
_entry.id   8VLH
#
_cell.length_a   173.110
_cell.length_b   60.575
_cell.length_c   53.588
_cell.angle_alpha   90.000
_cell.angle_beta   97.920
_cell.angle_gamma   90.000
#
_symmetry.space_group_name_H-M   'C 1 2 1'
#
loop_
_entity.id
_entity.type
_entity.pdbx_description
1 polymer 'Histone-lysine N-methyltransferase ASH1L'
2 non-polymer 'ZINC ION'
3 non-polymer 'STRONTIUM ION'
4 water water
#
_entity_poly.entity_id   1
_entity_poly.type   'polypeptide(L)'
_entity_poly.pdbx_seq_one_letter_code
;GPLDVIRCICGLYKDEGLMIQCDKCMVWQHCDCMGVNSDVEHYLCEQCDPRPVDREVPMIPRPHYAQPGCVYFICLLRDD
LLLRQGDCVYLMRDSRRTPDGHPVRQSYRLLSHINRDKLDIFRIEKLWKNEKEERFAFGHHYFRPHETHHSPSRRFYHNE
LFRVPLYEIIPLEAVVGTCCVLDLYTYCKGRPKGVKEQDVYICDYRLDKSAHLFYKIHRNRYPVCTKPYAFDHFPKKLTP
KKDFSPHYVPDNYKRNGGR
;
_entity_poly.pdbx_strand_id   A,B
#
# COMPACT_ATOMS: atom_id res chain seq x y z
N LEU A 3 -7.62 19.82 -12.39
CA LEU A 3 -7.51 19.13 -13.71
C LEU A 3 -6.83 17.77 -13.52
N ASP A 4 -6.40 17.50 -12.29
CA ASP A 4 -5.64 16.30 -11.94
C ASP A 4 -4.37 16.24 -12.77
N VAL A 5 -3.51 17.25 -12.57
CA VAL A 5 -2.28 17.42 -13.34
C VAL A 5 -1.20 16.53 -12.72
N ILE A 6 -0.55 15.73 -13.57
CA ILE A 6 0.61 14.93 -13.17
C ILE A 6 1.86 15.56 -13.76
N ARG A 7 2.73 16.06 -12.88
CA ARG A 7 4.04 16.57 -13.25
C ARG A 7 5.09 15.96 -12.33
N CYS A 8 5.52 14.73 -12.66
CA CYS A 8 6.54 14.03 -11.92
C CYS A 8 7.89 14.22 -12.61
N ILE A 9 8.96 13.89 -11.88
CA ILE A 9 10.33 14.06 -12.38
C ILE A 9 10.60 13.05 -13.50
N CYS A 10 9.87 11.93 -13.48
CA CYS A 10 10.05 10.86 -14.45
C CYS A 10 9.44 11.27 -15.80
N GLY A 11 8.46 12.17 -15.76
CA GLY A 11 7.85 12.71 -16.97
C GLY A 11 6.80 11.77 -17.57
N LEU A 12 6.37 10.77 -16.77
CA LEU A 12 5.33 9.84 -17.18
C LEU A 12 4.01 10.23 -16.51
N TYR A 13 2.89 9.85 -17.15
CA TYR A 13 1.57 10.30 -16.74
C TYR A 13 0.75 9.14 -16.16
N LYS A 14 1.37 7.97 -16.03
CA LYS A 14 0.69 6.77 -15.58
C LYS A 14 0.21 6.96 -14.14
N ASP A 15 -1.08 6.68 -13.90
CA ASP A 15 -1.70 6.83 -12.60
C ASP A 15 -1.74 5.46 -11.92
N GLU A 16 -0.66 4.70 -12.08
CA GLU A 16 -0.57 3.32 -11.60
C GLU A 16 0.38 3.29 -10.40
N GLY A 17 -0.18 2.97 -9.22
CA GLY A 17 0.59 2.94 -7.99
C GLY A 17 0.31 4.17 -7.13
N LEU A 18 1.07 4.28 -6.03
CA LEU A 18 0.91 5.35 -5.05
C LEU A 18 1.41 6.67 -5.65
N MET A 19 0.65 7.74 -5.40
CA MET A 19 0.97 9.07 -5.89
C MET A 19 0.74 10.09 -4.78
N ILE A 20 1.32 11.29 -4.95
CA ILE A 20 1.28 12.32 -3.93
C ILE A 20 1.09 13.68 -4.61
N GLN A 21 0.26 14.53 -3.99
CA GLN A 21 -0.10 15.83 -4.54
C GLN A 21 0.68 16.92 -3.82
N CYS A 22 1.03 17.97 -4.57
CA CYS A 22 1.70 19.14 -4.04
C CYS A 22 0.66 20.07 -3.41
N ASP A 23 1.08 20.74 -2.32
CA ASP A 23 0.18 21.56 -1.53
C ASP A 23 0.10 23.00 -2.06
N LYS A 24 0.91 23.30 -3.09
CA LYS A 24 0.89 24.64 -3.67
C LYS A 24 0.37 24.61 -5.11
N CYS A 25 1.04 23.85 -5.97
CA CYS A 25 0.74 23.87 -7.39
C CYS A 25 -0.27 22.77 -7.75
N MET A 26 -0.44 21.80 -6.84
CA MET A 26 -1.47 20.78 -6.91
C MET A 26 -1.14 19.70 -7.96
N VAL A 27 0.13 19.57 -8.33
CA VAL A 27 0.52 18.53 -9.27
C VAL A 27 0.73 17.22 -8.53
N TRP A 28 0.41 16.11 -9.22
CA TRP A 28 0.61 14.77 -8.67
C TRP A 28 1.97 14.24 -9.10
N GLN A 29 2.64 13.55 -8.17
CA GLN A 29 3.94 12.93 -8.42
C GLN A 29 3.95 11.53 -7.82
N HIS A 30 4.74 10.63 -8.42
CA HIS A 30 4.82 9.25 -7.94
C HIS A 30 5.63 9.22 -6.65
N CYS A 31 5.07 8.52 -5.65
CA CYS A 31 5.68 8.37 -4.33
C CYS A 31 7.02 7.65 -4.47
N ASP A 32 7.14 6.79 -5.49
CA ASP A 32 8.32 5.99 -5.71
C ASP A 32 9.42 6.85 -6.35
N CYS A 33 9.03 7.71 -7.29
CA CYS A 33 9.97 8.54 -8.01
C CYS A 33 10.59 9.58 -7.09
N MET A 34 9.74 10.25 -6.29
CA MET A 34 10.22 11.05 -5.17
C MET A 34 10.45 10.11 -4.00
N GLY A 35 11.21 10.57 -2.99
CA GLY A 35 11.50 9.73 -1.84
C GLY A 35 10.54 10.01 -0.69
N VAL A 36 9.30 9.54 -0.83
CA VAL A 36 8.23 9.89 0.11
C VAL A 36 7.20 8.77 0.17
N ASN A 37 6.63 8.56 1.37
CA ASN A 37 5.53 7.65 1.57
C ASN A 37 4.22 8.33 1.17
N SER A 38 3.17 7.52 0.97
CA SER A 38 1.83 8.02 0.70
C SER A 38 1.14 8.42 1.99
N ASP A 39 1.78 8.09 3.12
CA ASP A 39 1.22 8.30 4.45
C ASP A 39 1.47 9.74 4.91
N VAL A 40 2.25 10.50 4.12
CA VAL A 40 2.60 11.86 4.48
C VAL A 40 1.37 12.75 4.29
N GLU A 41 1.13 13.64 5.26
CA GLU A 41 -0.08 14.46 5.25
C GLU A 41 0.17 15.75 4.47
N HIS A 42 1.44 16.19 4.43
CA HIS A 42 1.84 17.40 3.72
C HIS A 42 2.96 17.06 2.74
N TYR A 43 2.99 17.81 1.62
CA TYR A 43 4.00 17.61 0.59
C TYR A 43 4.09 18.83 -0.33
N LEU A 44 5.32 19.12 -0.78
CA LEU A 44 5.58 20.09 -1.83
C LEU A 44 6.52 19.48 -2.85
N CYS A 45 6.30 19.82 -4.14
CA CYS A 45 7.11 19.30 -5.23
C CYS A 45 8.47 20.00 -5.27
N GLU A 46 9.33 19.57 -6.19
CA GLU A 46 10.70 20.03 -6.26
C GLU A 46 10.77 21.42 -6.88
N GLN A 47 9.65 21.89 -7.45
CA GLN A 47 9.58 23.22 -8.02
C GLN A 47 9.12 24.21 -6.97
N CYS A 48 8.15 23.79 -6.14
CA CYS A 48 7.61 24.62 -5.08
C CYS A 48 8.56 24.61 -3.89
N ASP A 49 9.16 23.43 -3.62
CA ASP A 49 10.17 23.29 -2.58
C ASP A 49 11.48 22.85 -3.22
N PRO A 50 12.28 23.78 -3.79
CA PRO A 50 13.50 23.43 -4.53
C PRO A 50 14.46 22.58 -3.69
N ARG A 51 14.75 21.37 -4.17
CA ARG A 51 15.59 20.42 -3.46
C ARG A 51 16.29 19.51 -4.46
N PRO A 52 17.43 18.89 -4.08
CA PRO A 52 18.10 17.91 -4.94
C PRO A 52 17.18 16.74 -5.26
N VAL A 53 17.10 16.41 -6.56
CA VAL A 53 16.33 15.28 -7.05
C VAL A 53 17.22 14.45 -7.97
N ASP A 54 17.26 13.14 -7.73
CA ASP A 54 17.88 12.19 -8.64
C ASP A 54 16.88 11.91 -9.76
N ARG A 55 17.28 12.25 -10.99
CA ARG A 55 16.38 12.21 -12.14
C ARG A 55 16.36 10.82 -12.75
N GLU A 56 17.19 9.92 -12.20
CA GLU A 56 17.26 8.53 -12.66
C GLU A 56 16.56 7.65 -11.64
N VAL A 57 15.36 7.18 -12.01
CA VAL A 57 14.45 6.52 -11.07
C VAL A 57 14.46 5.01 -11.32
N PRO A 58 14.89 4.19 -10.34
CA PRO A 58 14.85 2.73 -10.48
C PRO A 58 13.42 2.19 -10.46
N MET A 59 13.19 1.10 -11.22
CA MET A 59 11.98 0.32 -11.08
C MET A 59 11.86 -0.14 -9.63
N ILE A 60 10.89 0.43 -8.90
CA ILE A 60 10.82 0.23 -7.46
C ILE A 60 10.34 -1.19 -7.15
N PRO A 61 9.28 -1.70 -7.80
CA PRO A 61 9.07 -3.15 -7.85
C PRO A 61 10.21 -3.72 -8.71
N ARG A 62 11.33 -4.01 -8.05
CA ARG A 62 12.52 -4.55 -8.70
C ARG A 62 12.12 -5.82 -9.45
N PRO A 63 12.37 -5.91 -10.78
CA PRO A 63 11.93 -7.05 -11.57
C PRO A 63 12.67 -8.33 -11.22
N HIS A 64 12.02 -9.47 -11.49
CA HIS A 64 12.57 -10.78 -11.16
C HIS A 64 13.71 -11.14 -12.11
N TYR A 65 13.63 -10.63 -13.34
CA TYR A 65 14.57 -10.96 -14.40
C TYR A 65 15.86 -10.16 -14.23
N ALA A 66 15.90 -9.30 -13.21
CA ALA A 66 17.05 -8.46 -12.93
C ALA A 66 18.23 -9.33 -12.50
N GLN A 67 19.35 -9.16 -13.21
CA GLN A 67 20.59 -9.84 -12.87
C GLN A 67 21.29 -9.07 -11.75
N PRO A 68 21.89 -9.77 -10.75
CA PRO A 68 22.68 -9.10 -9.72
C PRO A 68 23.74 -8.19 -10.31
N GLY A 69 23.88 -6.99 -9.74
CA GLY A 69 24.83 -6.00 -10.21
C GLY A 69 24.17 -4.97 -11.14
N CYS A 70 23.09 -5.39 -11.81
CA CYS A 70 22.34 -4.54 -12.72
C CYS A 70 21.10 -3.99 -11.99
N VAL A 71 20.71 -2.77 -12.35
CA VAL A 71 19.51 -2.14 -11.82
C VAL A 71 18.67 -1.62 -12.98
N TYR A 72 17.39 -1.98 -12.99
CA TYR A 72 16.45 -1.52 -14.01
C TYR A 72 15.88 -0.17 -13.60
N PHE A 73 15.61 0.67 -14.61
CA PHE A 73 15.15 2.03 -14.40
C PHE A 73 13.93 2.32 -15.26
N ILE A 74 13.08 3.23 -14.78
CA ILE A 74 11.94 3.69 -15.58
C ILE A 74 12.38 4.89 -16.42
N CYS A 75 13.42 5.59 -15.95
CA CYS A 75 14.02 6.68 -16.71
C CYS A 75 15.50 6.82 -16.35
N LEU A 76 16.31 7.17 -17.36
CA LEU A 76 17.73 7.42 -17.20
C LEU A 76 18.09 8.72 -17.91
N LEU A 77 19.25 9.28 -17.54
CA LEU A 77 19.77 10.47 -18.18
C LEU A 77 20.86 10.08 -19.17
N ARG A 78 20.69 10.53 -20.42
CA ARG A 78 21.77 10.54 -21.39
C ARG A 78 22.35 11.96 -21.39
N ASP A 79 23.39 12.15 -20.57
CA ASP A 79 23.95 13.46 -20.26
C ASP A 79 22.86 14.33 -19.62
N ASP A 80 22.25 15.22 -20.42
CA ASP A 80 21.24 16.14 -19.91
C ASP A 80 19.85 15.73 -20.40
N LEU A 81 19.80 14.80 -21.35
CA LEU A 81 18.54 14.38 -21.97
C LEU A 81 17.96 13.21 -21.18
N LEU A 82 16.71 13.38 -20.72
CA LEU A 82 16.01 12.34 -19.99
C LEU A 82 15.33 11.39 -20.96
N LEU A 83 15.55 10.09 -20.75
CA LEU A 83 14.92 9.04 -21.56
C LEU A 83 14.11 8.13 -20.65
N ARG A 84 12.92 7.74 -21.13
CA ARG A 84 11.97 7.00 -20.34
C ARG A 84 11.58 5.71 -21.08
N GLN A 85 11.12 4.71 -20.32
CA GLN A 85 10.57 3.50 -20.90
C GLN A 85 9.34 3.87 -21.74
N GLY A 86 9.36 3.45 -23.01
CA GLY A 86 8.27 3.72 -23.93
C GLY A 86 8.56 4.88 -24.87
N ASP A 87 9.72 5.52 -24.68
CA ASP A 87 10.14 6.64 -25.52
C ASP A 87 10.62 6.11 -26.86
N CYS A 88 10.31 6.87 -27.93
CA CYS A 88 10.90 6.62 -29.23
C CYS A 88 12.06 7.59 -29.44
N VAL A 89 13.14 7.09 -30.06
CA VAL A 89 14.39 7.82 -30.13
C VAL A 89 14.97 7.70 -31.54
N TYR A 90 15.87 8.64 -31.86
CA TYR A 90 16.75 8.54 -33.01
C TYR A 90 18.07 7.91 -32.56
N LEU A 91 18.55 6.93 -33.33
CA LEU A 91 19.77 6.21 -33.00
C LEU A 91 20.85 6.50 -34.05
N MET A 92 22.10 6.60 -33.59
CA MET A 92 23.26 6.62 -34.45
C MET A 92 23.30 5.33 -35.28
N ARG A 93 23.89 5.42 -36.48
CA ARG A 93 23.87 4.34 -37.45
C ARG A 93 24.74 3.18 -36.98
N ASP A 94 24.51 2.00 -37.59
CA ASP A 94 25.37 0.84 -37.41
C ASP A 94 26.63 1.05 -38.27
N SER A 95 27.79 1.02 -37.62
CA SER A 95 29.04 1.44 -38.22
C SER A 95 29.90 0.24 -38.63
N ARG A 96 29.43 -0.97 -38.29
CA ARG A 96 30.19 -2.19 -38.48
C ARG A 96 30.52 -2.38 -39.96
N ARG A 97 31.74 -2.84 -40.24
CA ARG A 97 32.17 -3.20 -41.58
C ARG A 97 32.23 -4.72 -41.71
N THR A 98 32.02 -5.40 -40.58
CA THR A 98 31.89 -6.85 -40.53
C THR A 98 30.41 -7.22 -40.59
N PRO A 99 29.94 -7.90 -41.66
CA PRO A 99 28.53 -8.21 -41.83
C PRO A 99 27.95 -9.19 -40.81
N ASP A 100 28.84 -9.93 -40.13
CA ASP A 100 28.42 -10.94 -39.17
C ASP A 100 28.47 -10.39 -37.75
N GLY A 101 29.27 -9.34 -37.54
CA GLY A 101 29.49 -8.75 -36.24
C GLY A 101 28.24 -8.11 -35.66
N HIS A 102 28.29 -7.80 -34.36
CA HIS A 102 27.20 -7.14 -33.65
C HIS A 102 27.11 -5.69 -34.11
N PRO A 103 25.89 -5.09 -34.15
CA PRO A 103 25.73 -3.69 -34.54
C PRO A 103 26.49 -2.78 -33.57
N VAL A 104 27.41 -1.99 -34.12
CA VAL A 104 28.18 -1.03 -33.33
C VAL A 104 27.67 0.38 -33.65
N ARG A 105 27.12 1.03 -32.63
CA ARG A 105 26.55 2.36 -32.75
C ARG A 105 27.36 3.32 -31.87
N GLN A 106 27.93 4.35 -32.51
CA GLN A 106 28.87 5.25 -31.86
C GLN A 106 28.13 6.32 -31.07
N SER A 107 28.90 7.11 -30.31
CA SER A 107 28.38 8.18 -29.46
C SER A 107 27.75 9.28 -30.32
N TYR A 108 26.65 9.85 -29.82
CA TYR A 108 25.92 10.90 -30.51
C TYR A 108 26.80 12.12 -30.73
N ARG A 109 27.86 12.24 -29.91
CA ARG A 109 28.75 13.39 -29.91
C ARG A 109 29.60 13.41 -31.17
N LEU A 110 29.63 12.28 -31.89
CA LEU A 110 30.45 12.14 -33.08
C LEU A 110 29.69 12.59 -34.33
N LEU A 111 28.37 12.78 -34.19
CA LEU A 111 27.52 13.14 -35.32
C LEU A 111 27.85 14.57 -35.77
N SER A 112 28.07 14.71 -37.08
CA SER A 112 28.50 15.96 -37.68
C SER A 112 27.34 16.95 -37.70
N HIS A 113 26.29 16.63 -38.47
CA HIS A 113 25.10 17.45 -38.58
C HIS A 113 23.86 16.56 -38.53
N ILE A 114 22.80 17.06 -37.90
CA ILE A 114 21.62 16.25 -37.63
C ILE A 114 20.70 16.25 -38.86
N ASN A 115 20.71 15.13 -39.58
CA ASN A 115 19.64 14.79 -40.50
C ASN A 115 18.93 13.55 -39.96
N ARG A 116 17.73 13.76 -39.41
CA ARG A 116 16.99 12.74 -38.68
C ARG A 116 16.56 11.61 -39.61
N ASP A 117 16.42 11.93 -40.90
CA ASP A 117 16.00 10.96 -41.91
C ASP A 117 17.10 9.93 -42.14
N LYS A 118 18.30 10.23 -41.63
CA LYS A 118 19.47 9.37 -41.81
C LYS A 118 19.78 8.62 -40.51
N LEU A 119 18.84 8.67 -39.56
CA LEU A 119 19.00 7.98 -38.29
C LEU A 119 17.92 6.90 -38.16
N ASP A 120 18.23 5.85 -37.40
CA ASP A 120 17.30 4.76 -37.13
C ASP A 120 16.37 5.17 -35.99
N ILE A 121 15.08 4.86 -36.14
CA ILE A 121 14.07 5.16 -35.13
C ILE A 121 13.78 3.89 -34.34
N PHE A 122 13.68 4.05 -33.00
CA PHE A 122 13.75 2.94 -32.06
C PHE A 122 12.83 3.21 -30.88
N ARG A 123 12.17 2.15 -30.40
CA ARG A 123 11.30 2.22 -29.23
C ARG A 123 12.01 1.57 -28.04
N ILE A 124 12.25 2.38 -27.00
CA ILE A 124 12.86 1.89 -25.77
C ILE A 124 11.79 1.14 -24.98
N GLU A 125 12.09 -0.12 -24.64
CA GLU A 125 11.20 -0.96 -23.84
C GLU A 125 11.74 -1.03 -22.41
N LYS A 126 13.07 -1.10 -22.29
CA LYS A 126 13.73 -1.25 -21.01
C LYS A 126 14.96 -0.35 -20.94
N LEU A 127 15.25 0.13 -19.74
CA LEU A 127 16.46 0.88 -19.42
C LEU A 127 17.10 0.24 -18.18
N TRP A 128 18.44 0.19 -18.17
CA TRP A 128 19.15 -0.34 -17.01
C TRP A 128 20.60 0.15 -16.95
N LYS A 129 21.10 0.23 -15.71
CA LYS A 129 22.52 0.37 -15.44
C LYS A 129 23.09 -1.01 -15.16
N ASN A 130 24.28 -1.29 -15.71
CA ASN A 130 24.88 -2.62 -15.57
C ASN A 130 25.78 -2.65 -14.33
N GLU A 131 26.58 -3.72 -14.23
CA GLU A 131 27.47 -3.96 -13.09
C GLU A 131 28.58 -2.91 -13.04
N LYS A 132 28.75 -2.16 -14.13
CA LYS A 132 29.78 -1.15 -14.22
C LYS A 132 29.15 0.25 -14.21
N GLU A 133 27.82 0.30 -14.04
CA GLU A 133 27.04 1.52 -13.96
C GLU A 133 26.90 2.17 -15.34
N GLU A 134 27.12 1.38 -16.40
CA GLU A 134 26.92 1.85 -17.76
C GLU A 134 25.44 1.73 -18.11
N ARG A 135 24.93 2.74 -18.82
CA ARG A 135 23.51 2.82 -19.15
C ARG A 135 23.26 2.15 -20.50
N PHE A 136 22.22 1.31 -20.53
CA PHE A 136 21.81 0.60 -21.73
C PHE A 136 20.31 0.72 -21.94
N ALA A 137 19.88 0.50 -23.18
CA ALA A 137 18.47 0.38 -23.50
C ALA A 137 18.23 -0.90 -24.31
N PHE A 138 17.02 -1.46 -24.17
CA PHE A 138 16.52 -2.55 -24.97
C PHE A 138 15.21 -2.14 -25.60
N GLY A 139 15.00 -2.53 -26.87
CA GLY A 139 13.75 -2.25 -27.56
C GLY A 139 13.72 -2.79 -28.99
N HIS A 140 12.68 -2.39 -29.73
CA HIS A 140 12.48 -2.83 -31.10
C HIS A 140 12.70 -1.66 -32.06
N HIS A 141 12.99 -2.01 -33.32
CA HIS A 141 13.23 -1.04 -34.38
C HIS A 141 11.92 -0.70 -35.08
N TYR A 142 11.89 0.50 -35.69
CA TYR A 142 10.85 0.88 -36.65
C TYR A 142 11.51 1.03 -38.02
N PHE A 143 10.91 0.39 -39.03
CA PHE A 143 11.42 0.47 -40.39
C PHE A 143 10.77 1.64 -41.12
N ARG A 144 11.60 2.35 -41.91
CA ARG A 144 11.15 3.40 -42.80
C ARG A 144 10.61 2.77 -44.08
N PRO A 145 9.76 3.46 -44.87
CA PRO A 145 9.11 2.86 -46.04
C PRO A 145 10.06 2.27 -47.08
N HIS A 146 11.25 2.87 -47.20
CA HIS A 146 12.24 2.44 -48.17
C HIS A 146 12.92 1.14 -47.72
N GLU A 147 12.75 0.80 -46.44
CA GLU A 147 13.36 -0.38 -45.85
C GLU A 147 12.43 -1.60 -46.04
N THR A 148 11.21 -1.34 -46.53
CA THR A 148 10.21 -2.39 -46.69
C THR A 148 10.23 -2.92 -48.12
N HIS A 149 9.79 -4.17 -48.28
CA HIS A 149 9.55 -4.77 -49.59
C HIS A 149 8.09 -4.59 -49.95
N HIS A 150 7.84 -3.83 -51.02
CA HIS A 150 6.49 -3.48 -51.44
C HIS A 150 6.41 -3.38 -52.95
N SER A 151 5.18 -3.34 -53.47
CA SER A 151 4.93 -3.14 -54.89
C SER A 151 5.15 -1.67 -55.26
N PRO A 152 5.76 -1.38 -56.42
CA PRO A 152 5.98 0.00 -56.86
C PRO A 152 4.73 0.90 -56.81
N SER A 153 3.56 0.26 -56.78
CA SER A 153 2.28 0.97 -56.76
C SER A 153 1.98 1.52 -55.37
N ARG A 154 2.52 0.87 -54.34
CA ARG A 154 2.18 1.18 -52.96
C ARG A 154 2.66 2.58 -52.58
N ARG A 155 1.77 3.34 -51.93
CA ARG A 155 2.08 4.67 -51.46
C ARG A 155 2.00 4.69 -49.93
N PHE A 156 2.73 5.63 -49.32
CA PHE A 156 2.84 5.73 -47.87
C PHE A 156 2.63 7.18 -47.44
N TYR A 157 2.51 7.38 -46.13
CA TYR A 157 2.71 8.69 -45.53
C TYR A 157 4.21 8.99 -45.51
N HIS A 158 4.57 10.25 -45.72
CA HIS A 158 5.97 10.66 -45.75
C HIS A 158 6.62 10.40 -44.40
N ASN A 159 5.80 10.36 -43.35
CA ASN A 159 6.27 10.18 -41.98
C ASN A 159 5.73 8.86 -41.43
N GLU A 160 5.53 7.88 -42.31
CA GLU A 160 5.03 6.58 -41.89
C GLU A 160 6.21 5.67 -41.54
N LEU A 161 6.05 4.89 -40.47
CA LEU A 161 7.03 3.89 -40.08
C LEU A 161 6.32 2.53 -39.95
N PHE A 162 7.10 1.48 -39.69
CA PHE A 162 6.56 0.14 -39.54
C PHE A 162 7.27 -0.59 -38.41
N ARG A 163 6.49 -1.09 -37.45
CA ARG A 163 7.00 -1.88 -36.34
C ARG A 163 7.61 -3.17 -36.89
N VAL A 164 8.77 -3.56 -36.34
CA VAL A 164 9.51 -4.72 -36.81
C VAL A 164 9.98 -5.53 -35.61
N PRO A 165 9.82 -6.88 -35.61
CA PRO A 165 10.31 -7.73 -34.52
C PRO A 165 11.83 -7.87 -34.51
N LEU A 166 12.51 -6.74 -34.74
CA LEU A 166 13.96 -6.65 -34.61
C LEU A 166 14.30 -5.91 -33.31
N TYR A 167 14.84 -6.67 -32.35
CA TYR A 167 15.18 -6.15 -31.03
C TYR A 167 16.69 -5.98 -30.91
N GLU A 168 17.10 -5.01 -30.08
CA GLU A 168 18.51 -4.71 -29.91
C GLU A 168 18.79 -4.14 -28.53
N ILE A 169 19.97 -4.48 -27.99
CA ILE A 169 20.54 -3.81 -26.84
C ILE A 169 21.49 -2.73 -27.36
N ILE A 170 21.33 -1.50 -26.83
CA ILE A 170 22.12 -0.36 -27.28
C ILE A 170 22.71 0.35 -26.06
N PRO A 171 23.93 0.93 -26.18
CA PRO A 171 24.43 1.85 -25.15
C PRO A 171 23.68 3.17 -25.27
N LEU A 172 23.48 3.84 -24.13
CA LEU A 172 22.60 5.00 -24.08
C LEU A 172 23.20 6.17 -24.88
N GLU A 173 24.53 6.14 -25.08
CA GLU A 173 25.23 7.18 -25.80
C GLU A 173 24.80 7.22 -27.27
N ALA A 174 24.20 6.11 -27.75
CA ALA A 174 23.84 5.97 -29.14
C ALA A 174 22.53 6.70 -29.47
N VAL A 175 21.97 7.41 -28.48
CA VAL A 175 20.70 8.10 -28.65
C VAL A 175 20.97 9.55 -29.05
N VAL A 176 20.47 9.94 -30.22
CA VAL A 176 20.67 11.27 -30.77
C VAL A 176 19.62 12.21 -30.20
N GLY A 177 18.38 11.72 -30.09
CA GLY A 177 17.28 12.48 -29.53
C GLY A 177 15.99 11.65 -29.46
N THR A 178 14.91 12.30 -29.00
CA THR A 178 13.61 11.66 -28.90
C THR A 178 12.76 11.99 -30.12
N CYS A 179 11.81 11.10 -30.41
CA CYS A 179 10.78 11.34 -31.41
C CYS A 179 9.47 10.75 -30.91
N CYS A 180 8.40 10.96 -31.69
CA CYS A 180 7.05 10.59 -31.29
C CYS A 180 6.41 9.77 -32.40
N VAL A 181 6.06 8.52 -32.07
CA VAL A 181 5.42 7.61 -33.02
C VAL A 181 3.99 7.37 -32.55
N LEU A 182 3.03 7.82 -33.38
CA LEU A 182 1.62 7.78 -33.02
C LEU A 182 0.87 6.88 -34.01
N ASP A 183 -0.36 6.51 -33.64
CA ASP A 183 -1.31 5.93 -34.56
C ASP A 183 -1.96 7.05 -35.36
N LEU A 184 -2.55 6.70 -36.51
CA LEU A 184 -3.08 7.69 -37.46
C LEU A 184 -4.14 8.56 -36.78
N TYR A 185 -5.04 7.94 -36.02
CA TYR A 185 -6.13 8.65 -35.38
C TYR A 185 -5.59 9.70 -34.41
N THR A 186 -4.64 9.28 -33.57
CA THR A 186 -4.04 10.15 -32.57
C THR A 186 -3.28 11.28 -33.26
N TYR A 187 -2.62 10.96 -34.36
CA TYR A 187 -1.83 11.90 -35.15
C TYR A 187 -2.74 13.02 -35.69
N CYS A 188 -3.98 12.66 -36.03
CA CYS A 188 -4.92 13.57 -36.66
C CYS A 188 -5.60 14.46 -35.63
N LYS A 189 -5.56 14.05 -34.34
CA LYS A 189 -6.32 14.74 -33.32
C LYS A 189 -5.48 15.83 -32.66
N GLY A 190 -4.21 15.53 -32.38
CA GLY A 190 -3.35 16.47 -31.68
C GLY A 190 -1.91 15.99 -31.55
N ARG A 191 -1.12 16.73 -30.76
CA ARG A 191 0.30 16.52 -30.64
C ARG A 191 0.70 16.61 -29.18
N PRO A 192 1.43 15.60 -28.63
CA PRO A 192 1.91 15.66 -27.25
C PRO A 192 2.78 16.89 -27.01
N LYS A 193 2.62 17.49 -25.83
CA LYS A 193 3.32 18.71 -25.44
C LYS A 193 4.82 18.52 -25.59
N GLY A 194 5.48 19.53 -26.18
CA GLY A 194 6.93 19.58 -26.28
C GLY A 194 7.49 18.61 -27.31
N VAL A 195 6.73 18.36 -28.39
CA VAL A 195 7.20 17.55 -29.50
C VAL A 195 7.19 18.40 -30.76
N LYS A 196 8.29 18.34 -31.52
CA LYS A 196 8.41 19.07 -32.77
C LYS A 196 7.62 18.34 -33.86
N GLU A 197 7.03 19.13 -34.77
CA GLU A 197 6.25 18.64 -35.90
C GLU A 197 7.10 17.67 -36.73
N GLN A 198 8.40 17.96 -36.81
CA GLN A 198 9.35 17.25 -37.65
C GLN A 198 9.74 15.90 -37.04
N ASP A 199 9.28 15.65 -35.80
CA ASP A 199 9.64 14.43 -35.09
C ASP A 199 8.40 13.58 -34.80
N VAL A 200 7.32 13.80 -35.58
CA VAL A 200 6.10 13.04 -35.39
C VAL A 200 5.90 12.09 -36.56
N TYR A 201 5.71 10.81 -36.24
CA TYR A 201 5.59 9.77 -37.26
C TYR A 201 4.29 9.01 -37.06
N ILE A 202 3.84 8.32 -38.11
CA ILE A 202 2.64 7.50 -38.08
C ILE A 202 3.03 6.04 -38.24
N CYS A 203 2.44 5.18 -37.40
CA CYS A 203 2.63 3.74 -37.49
C CYS A 203 1.34 3.04 -37.10
N ASP A 204 0.74 2.32 -38.06
CA ASP A 204 -0.46 1.54 -37.83
C ASP A 204 -0.18 0.07 -38.15
N TYR A 205 0.98 -0.19 -38.76
CA TYR A 205 1.26 -1.51 -39.30
C TYR A 205 2.58 -2.06 -38.77
N ARG A 206 2.59 -3.37 -38.51
CA ARG A 206 3.80 -4.11 -38.21
C ARG A 206 4.16 -4.97 -39.41
N LEU A 207 5.43 -5.38 -39.47
CA LEU A 207 5.94 -6.22 -40.54
C LEU A 207 6.28 -7.60 -39.97
N ASP A 208 6.30 -8.60 -40.84
CA ASP A 208 6.84 -9.91 -40.50
C ASP A 208 8.35 -9.83 -40.56
N LYS A 209 9.01 -11.00 -40.59
CA LYS A 209 10.46 -11.07 -40.56
C LYS A 209 11.02 -10.84 -41.96
N SER A 210 10.23 -11.19 -42.99
CA SER A 210 10.63 -11.00 -44.38
C SER A 210 10.44 -9.55 -44.80
N ALA A 211 9.59 -8.83 -44.06
CA ALA A 211 9.28 -7.41 -44.27
C ALA A 211 8.63 -7.20 -45.63
N HIS A 212 7.76 -8.14 -46.02
CA HIS A 212 6.95 -8.02 -47.23
C HIS A 212 5.48 -7.98 -46.84
N LEU A 213 5.18 -8.45 -45.63
CA LEU A 213 3.81 -8.61 -45.16
C LEU A 213 3.49 -7.51 -44.14
N PHE A 214 2.35 -6.85 -44.35
CA PHE A 214 1.94 -5.68 -43.59
C PHE A 214 0.69 -6.02 -42.76
N TYR A 215 0.87 -6.09 -41.44
CA TYR A 215 -0.20 -6.45 -40.52
C TYR A 215 -0.62 -5.22 -39.71
N LYS A 216 -1.94 -5.03 -39.60
CA LYS A 216 -2.52 -3.92 -38.85
C LYS A 216 -2.32 -4.16 -37.36
N ILE A 217 -1.79 -3.15 -36.67
CA ILE A 217 -1.61 -3.16 -35.22
C ILE A 217 -2.97 -2.91 -34.58
N HIS A 218 -3.31 -3.73 -33.57
CA HIS A 218 -4.63 -3.70 -32.96
C HIS A 218 -4.62 -2.89 -31.66
N ARG A 219 -3.56 -3.06 -30.85
CA ARG A 219 -3.46 -2.34 -29.59
C ARG A 219 -2.09 -1.66 -29.48
N ASN A 220 -2.11 -0.33 -29.39
CA ASN A 220 -0.91 0.46 -29.19
C ASN A 220 -0.31 0.10 -27.84
N ARG A 221 0.97 -0.29 -27.87
CA ARG A 221 1.66 -0.85 -26.72
C ARG A 221 1.98 0.25 -25.70
N TYR A 222 2.24 1.48 -26.20
CA TYR A 222 2.56 2.59 -25.34
C TYR A 222 1.65 3.77 -25.66
N PRO A 223 0.46 3.88 -25.01
CA PRO A 223 -0.50 4.95 -25.29
C PRO A 223 -0.06 6.27 -24.67
N VAL A 224 -0.32 7.37 -25.39
CA VAL A 224 0.00 8.71 -24.90
C VAL A 224 -1.18 9.23 -24.08
N CYS A 225 -0.86 10.08 -23.10
CA CYS A 225 -1.84 10.81 -22.33
C CYS A 225 -2.46 11.89 -23.21
N THR A 226 -3.81 11.92 -23.25
CA THR A 226 -4.52 12.79 -24.17
C THR A 226 -5.10 14.00 -23.42
N LYS A 227 -4.81 14.10 -22.12
CA LYS A 227 -5.31 15.18 -21.30
C LYS A 227 -4.66 16.50 -21.74
N PRO A 228 -5.34 17.67 -21.55
CA PRO A 228 -4.88 18.94 -22.12
C PRO A 228 -3.52 19.42 -21.62
N TYR A 229 -3.14 18.99 -20.41
CA TYR A 229 -1.87 19.39 -19.82
C TYR A 229 -0.71 18.64 -20.48
N ALA A 230 -1.04 17.54 -21.18
CA ALA A 230 -0.04 16.65 -21.75
C ALA A 230 -0.15 16.62 -23.28
N PHE A 231 -1.33 16.96 -23.80
CA PHE A 231 -1.65 16.78 -25.21
C PHE A 231 -2.33 18.03 -25.75
N ASP A 232 -1.78 18.55 -26.86
CA ASP A 232 -2.35 19.72 -27.52
C ASP A 232 -3.24 19.27 -28.67
N HIS A 233 -4.56 19.35 -28.45
CA HIS A 233 -5.55 18.99 -29.44
C HIS A 233 -5.60 20.03 -30.56
N PHE A 234 -5.64 19.55 -31.81
CA PHE A 234 -5.76 20.41 -32.97
C PHE A 234 -7.19 20.95 -33.05
N PRO A 235 -7.41 22.15 -33.64
CA PRO A 235 -8.76 22.71 -33.79
C PRO A 235 -9.66 21.84 -34.68
N LYS A 236 -9.06 21.24 -35.71
CA LYS A 236 -9.76 20.29 -36.58
C LYS A 236 -8.84 19.10 -36.84
N LYS A 237 -9.45 17.91 -36.93
CA LYS A 237 -8.75 16.67 -37.25
C LYS A 237 -8.03 16.83 -38.59
N LEU A 238 -6.79 16.36 -38.64
CA LEU A 238 -5.99 16.37 -39.86
C LEU A 238 -6.53 15.31 -40.81
N THR A 239 -6.32 15.53 -42.11
CA THR A 239 -6.53 14.50 -43.12
C THR A 239 -5.27 14.40 -43.97
N PRO A 240 -4.23 13.68 -43.50
CA PRO A 240 -2.96 13.58 -44.23
C PRO A 240 -3.11 12.70 -45.47
N LYS A 241 -2.19 12.87 -46.42
CA LYS A 241 -2.26 12.19 -47.70
C LYS A 241 -1.18 11.12 -47.77
N LYS A 242 -1.56 9.93 -48.25
CA LYS A 242 -0.62 8.85 -48.55
C LYS A 242 -0.10 9.04 -49.98
N ASP A 243 0.80 10.03 -50.15
CA ASP A 243 1.23 10.43 -51.49
C ASP A 243 2.76 10.31 -51.59
N PHE A 244 3.36 9.46 -50.76
CA PHE A 244 4.80 9.26 -50.78
C PHE A 244 5.14 7.88 -51.32
N SER A 245 6.11 7.84 -52.23
CA SER A 245 6.63 6.59 -52.78
C SER A 245 8.14 6.56 -52.64
N PRO A 246 8.71 5.48 -52.04
CA PRO A 246 10.17 5.33 -51.92
C PRO A 246 10.84 5.09 -53.26
N HIS A 247 10.10 4.41 -54.17
CA HIS A 247 10.59 4.09 -55.50
C HIS A 247 10.77 5.36 -56.33
N TYR A 248 9.75 6.21 -56.30
CA TYR A 248 9.71 7.39 -57.17
C TYR A 248 9.96 8.65 -56.35
N VAL A 249 11.25 8.98 -56.19
CA VAL A 249 11.69 10.16 -55.47
C VAL A 249 12.70 10.91 -56.34
N PRO A 250 12.71 12.27 -56.32
CA PRO A 250 13.66 13.06 -57.09
C PRO A 250 15.11 12.76 -56.71
N PRO B 2 9.09 -7.09 14.52
CA PRO B 2 8.83 -7.03 13.08
C PRO B 2 8.38 -5.63 12.63
N LEU B 3 8.38 -5.43 11.31
CA LEU B 3 7.84 -4.22 10.70
C LEU B 3 6.41 -4.52 10.24
N ASP B 4 5.90 -5.67 10.68
CA ASP B 4 4.56 -6.16 10.36
C ASP B 4 3.52 -5.28 11.03
N VAL B 5 2.73 -4.56 10.22
CA VAL B 5 1.57 -3.84 10.70
C VAL B 5 0.36 -4.76 10.60
N ILE B 6 -0.26 -5.04 11.75
CA ILE B 6 -1.44 -5.90 11.81
C ILE B 6 -2.65 -5.01 12.09
N ARG B 7 -3.59 -4.97 11.14
CA ARG B 7 -4.84 -4.25 11.31
C ARG B 7 -5.99 -5.11 10.80
N CYS B 8 -6.65 -5.78 11.75
CA CYS B 8 -7.74 -6.71 11.48
C CYS B 8 -9.02 -6.14 12.10
N ILE B 9 -10.17 -6.78 11.81
CA ILE B 9 -11.45 -6.29 12.26
C ILE B 9 -11.64 -6.58 13.75
N CYS B 10 -10.84 -7.50 14.30
CA CYS B 10 -10.92 -7.84 15.71
C CYS B 10 -10.21 -6.80 16.55
N GLY B 11 -9.25 -6.09 15.94
CA GLY B 11 -8.48 -5.05 16.61
C GLY B 11 -7.34 -5.62 17.47
N LEU B 12 -7.17 -6.95 17.42
CA LEU B 12 -6.08 -7.61 18.14
C LEU B 12 -4.80 -7.51 17.33
N TYR B 13 -3.66 -7.72 18.00
CA TYR B 13 -2.36 -7.50 17.38
C TYR B 13 -1.54 -8.80 17.32
N LYS B 14 -2.21 -9.94 17.51
CA LYS B 14 -1.54 -11.23 17.54
C LYS B 14 -1.11 -11.61 16.12
N ASP B 15 0.20 -11.92 15.99
CA ASP B 15 0.77 -12.40 14.74
C ASP B 15 0.53 -13.91 14.64
N GLU B 16 -0.14 -14.45 15.66
CA GLU B 16 -0.49 -15.86 15.73
C GLU B 16 -1.72 -16.12 14.85
N GLY B 17 -1.85 -17.37 14.40
CA GLY B 17 -2.86 -17.74 13.42
C GLY B 17 -2.39 -17.40 12.01
N LEU B 18 -3.09 -17.96 11.01
CA LEU B 18 -2.77 -17.70 9.61
C LEU B 18 -3.12 -16.25 9.27
N MET B 19 -2.16 -15.56 8.66
CA MET B 19 -2.25 -14.14 8.35
C MET B 19 -2.28 -13.97 6.83
N ILE B 20 -2.91 -12.86 6.39
CA ILE B 20 -2.93 -12.49 4.98
C ILE B 20 -2.64 -11.00 4.89
N GLN B 21 -1.85 -10.61 3.88
CA GLN B 21 -1.44 -9.22 3.70
C GLN B 21 -2.26 -8.59 2.58
N CYS B 22 -2.64 -7.32 2.79
CA CYS B 22 -3.29 -6.52 1.76
C CYS B 22 -2.22 -5.98 0.81
N ASP B 23 -2.46 -6.16 -0.50
CA ASP B 23 -1.49 -5.83 -1.52
C ASP B 23 -1.52 -4.33 -1.84
N LYS B 24 -2.39 -3.60 -1.16
CA LYS B 24 -2.48 -2.16 -1.37
C LYS B 24 -1.86 -1.39 -0.21
N CYS B 25 -2.33 -1.65 1.02
CA CYS B 25 -1.92 -0.86 2.17
C CYS B 25 -0.83 -1.56 2.98
N MET B 26 -0.70 -2.88 2.77
CA MET B 26 0.40 -3.70 3.28
C MET B 26 0.09 -4.22 4.69
N VAL B 27 -1.09 -3.92 5.23
CA VAL B 27 -1.45 -4.38 6.56
C VAL B 27 -1.76 -5.87 6.53
N TRP B 28 -1.53 -6.54 7.67
CA TRP B 28 -1.79 -7.96 7.83
C TRP B 28 -3.10 -8.15 8.58
N GLN B 29 -3.86 -9.18 8.17
CA GLN B 29 -5.13 -9.51 8.80
C GLN B 29 -5.23 -11.02 8.98
N HIS B 30 -5.91 -11.45 10.04
CA HIS B 30 -6.14 -12.86 10.30
C HIS B 30 -7.07 -13.42 9.23
N CYS B 31 -6.60 -14.49 8.56
CA CYS B 31 -7.40 -15.21 7.57
C CYS B 31 -8.68 -15.71 8.22
N ASP B 32 -8.62 -15.92 9.53
CA ASP B 32 -9.67 -16.54 10.30
C ASP B 32 -10.77 -15.52 10.62
N CYS B 33 -10.44 -14.24 10.51
CA CYS B 33 -11.41 -13.17 10.79
C CYS B 33 -12.03 -12.67 9.49
N MET B 34 -11.33 -12.91 8.37
CA MET B 34 -11.69 -12.30 7.10
C MET B 34 -12.34 -13.33 6.17
N GLY B 35 -12.36 -14.60 6.60
CA GLY B 35 -13.01 -15.67 5.85
C GLY B 35 -12.33 -15.92 4.51
N VAL B 36 -11.00 -16.07 4.55
CA VAL B 36 -10.17 -16.24 3.37
C VAL B 36 -9.16 -17.34 3.67
N ASN B 37 -8.74 -18.07 2.62
CA ASN B 37 -7.66 -19.03 2.75
C ASN B 37 -6.33 -18.29 2.84
N SER B 38 -5.33 -18.94 3.44
CA SER B 38 -4.03 -18.36 3.69
C SER B 38 -3.29 -18.09 2.38
N ASP B 39 -3.64 -18.84 1.32
N ASP B 39 -3.65 -18.85 1.33
CA ASP B 39 -2.97 -18.72 0.04
CA ASP B 39 -3.01 -18.76 0.03
C ASP B 39 -3.95 -18.21 -1.01
C ASP B 39 -4.02 -18.22 -0.99
N VAL B 40 -4.23 -16.90 -0.95
CA VAL B 40 -5.02 -16.21 -1.97
C VAL B 40 -4.12 -15.18 -2.63
N GLU B 41 -3.94 -15.34 -3.95
CA GLU B 41 -2.92 -14.66 -4.73
C GLU B 41 -3.11 -13.14 -4.63
N HIS B 42 -4.35 -12.70 -4.82
CA HIS B 42 -4.70 -11.29 -4.71
C HIS B 42 -5.56 -11.09 -3.47
N TYR B 43 -5.04 -10.33 -2.50
CA TYR B 43 -5.83 -9.96 -1.34
C TYR B 43 -5.86 -8.44 -1.17
N LEU B 44 -7.06 -7.94 -0.85
CA LEU B 44 -7.26 -6.56 -0.45
C LEU B 44 -8.13 -6.55 0.81
N CYS B 45 -7.80 -5.66 1.74
CA CYS B 45 -8.51 -5.56 3.02
C CYS B 45 -9.88 -4.94 2.81
N GLU B 46 -10.63 -4.75 3.92
CA GLU B 46 -12.00 -4.27 3.86
C GLU B 46 -12.03 -2.77 3.58
N GLN B 47 -10.89 -2.10 3.77
CA GLN B 47 -10.80 -0.66 3.55
C GLN B 47 -10.32 -0.36 2.13
N CYS B 48 -9.52 -1.26 1.57
CA CYS B 48 -9.00 -1.10 0.21
C CYS B 48 -9.99 -1.68 -0.79
N ASP B 49 -10.73 -2.72 -0.38
CA ASP B 49 -11.79 -3.29 -1.19
C ASP B 49 -13.05 -3.44 -0.33
N PRO B 50 -13.83 -2.36 -0.15
CA PRO B 50 -15.00 -2.38 0.72
C PRO B 50 -15.97 -3.50 0.37
N ARG B 51 -16.41 -4.24 1.40
CA ARG B 51 -17.29 -5.38 1.25
C ARG B 51 -17.95 -5.65 2.61
N PRO B 52 -19.11 -6.35 2.65
CA PRO B 52 -19.77 -6.66 3.93
C PRO B 52 -18.87 -7.55 4.79
N VAL B 53 -18.64 -7.13 6.04
CA VAL B 53 -17.84 -7.89 6.98
C VAL B 53 -18.68 -8.17 8.23
N ASP B 54 -18.34 -9.26 8.91
CA ASP B 54 -18.91 -9.60 10.20
C ASP B 54 -17.80 -9.45 11.25
N ARG B 55 -17.95 -8.46 12.14
CA ARG B 55 -16.97 -8.17 13.16
C ARG B 55 -17.06 -9.19 14.28
N GLU B 56 -18.20 -9.88 14.37
CA GLU B 56 -18.39 -10.92 15.37
C GLU B 56 -17.79 -12.23 14.85
N VAL B 57 -16.56 -12.50 15.27
CA VAL B 57 -15.77 -13.62 14.77
C VAL B 57 -15.88 -14.78 15.75
N PRO B 58 -16.41 -15.95 15.32
CA PRO B 58 -16.51 -17.12 16.19
C PRO B 58 -15.16 -17.80 16.44
N MET B 59 -15.11 -18.59 17.51
CA MET B 59 -13.94 -19.39 17.85
C MET B 59 -13.95 -20.63 16.96
N ILE B 60 -13.05 -20.66 15.97
CA ILE B 60 -13.05 -21.68 14.93
C ILE B 60 -12.79 -23.06 15.54
N PRO B 61 -11.77 -23.24 16.41
CA PRO B 61 -11.72 -24.45 17.25
C PRO B 61 -12.64 -24.25 18.44
N ARG B 62 -13.90 -24.66 18.29
CA ARG B 62 -14.90 -24.55 19.35
C ARG B 62 -14.36 -25.28 20.58
N PRO B 63 -14.30 -24.62 21.75
CA PRO B 63 -13.63 -25.19 22.92
C PRO B 63 -14.40 -26.39 23.47
N HIS B 64 -13.64 -27.34 24.04
CA HIS B 64 -14.21 -28.47 24.76
C HIS B 64 -14.81 -27.97 26.07
N TYR B 65 -15.83 -28.68 26.56
CA TYR B 65 -16.52 -28.40 27.81
C TYR B 65 -17.36 -27.12 27.66
N ALA B 66 -17.68 -26.77 26.40
CA ALA B 66 -18.50 -25.61 26.09
C ALA B 66 -19.92 -25.82 26.58
N GLN B 67 -20.58 -24.71 26.92
CA GLN B 67 -21.96 -24.73 27.40
C GLN B 67 -22.88 -25.15 26.26
N PRO B 68 -23.89 -26.01 26.52
CA PRO B 68 -24.82 -26.46 25.48
C PRO B 68 -25.66 -25.33 24.89
N GLY B 69 -25.73 -25.29 23.55
CA GLY B 69 -26.54 -24.32 22.83
C GLY B 69 -25.88 -22.94 22.77
N CYS B 70 -24.55 -22.91 22.99
CA CYS B 70 -23.81 -21.66 23.03
C CYS B 70 -22.73 -21.68 21.94
N VAL B 71 -22.71 -20.62 21.12
CA VAL B 71 -21.69 -20.42 20.10
C VAL B 71 -20.68 -19.41 20.65
N TYR B 72 -19.39 -19.80 20.64
CA TYR B 72 -18.33 -19.02 21.24
C TYR B 72 -17.67 -18.12 20.19
N PHE B 73 -17.18 -16.96 20.65
CA PHE B 73 -16.66 -15.93 19.77
C PHE B 73 -15.35 -15.35 20.30
N ILE B 74 -14.50 -14.91 19.38
CA ILE B 74 -13.29 -14.17 19.69
C ILE B 74 -13.66 -12.74 20.06
N CYS B 75 -14.55 -12.13 19.26
CA CYS B 75 -15.01 -10.77 19.51
C CYS B 75 -16.51 -10.66 19.24
N LEU B 76 -17.18 -9.85 20.06
CA LEU B 76 -18.62 -9.59 19.94
C LEU B 76 -18.86 -8.08 19.95
N LEU B 77 -19.96 -7.66 19.33
CA LEU B 77 -20.35 -6.26 19.31
C LEU B 77 -21.38 -6.00 20.41
N ARG B 78 -21.08 -5.00 21.25
CA ARG B 78 -22.06 -4.43 22.17
C ARG B 78 -22.53 -3.10 21.57
N ASP B 79 -23.56 -3.19 20.72
CA ASP B 79 -24.07 -2.07 19.96
C ASP B 79 -23.04 -1.65 18.92
N ASP B 80 -22.12 -0.74 19.29
CA ASP B 80 -21.11 -0.24 18.39
C ASP B 80 -19.70 -0.56 18.91
N LEU B 81 -19.63 -1.04 20.16
CA LEU B 81 -18.36 -1.32 20.81
C LEU B 81 -18.01 -2.79 20.64
N LEU B 82 -16.89 -3.05 19.95
CA LEU B 82 -16.39 -4.40 19.79
C LEU B 82 -15.60 -4.79 21.02
N LEU B 83 -16.00 -5.90 21.66
CA LEU B 83 -15.35 -6.41 22.84
C LEU B 83 -14.68 -7.74 22.49
N ARG B 84 -13.47 -7.95 23.04
CA ARG B 84 -12.64 -9.07 22.67
C ARG B 84 -12.14 -9.79 23.91
N GLN B 85 -11.82 -11.08 23.75
CA GLN B 85 -11.15 -11.87 24.78
C GLN B 85 -9.91 -11.14 25.25
N GLY B 86 -9.78 -10.95 26.56
CA GLY B 86 -8.63 -10.29 27.15
C GLY B 86 -8.93 -8.84 27.53
N ASP B 87 -10.00 -8.27 26.95
CA ASP B 87 -10.38 -6.90 27.22
C ASP B 87 -10.73 -6.74 28.71
N CYS B 88 -10.29 -5.61 29.28
CA CYS B 88 -10.74 -5.16 30.58
C CYS B 88 -11.82 -4.09 30.39
N VAL B 89 -12.90 -4.19 31.17
CA VAL B 89 -14.08 -3.37 30.94
C VAL B 89 -14.62 -2.83 32.25
N TYR B 90 -15.39 -1.75 32.14
CA TYR B 90 -16.22 -1.24 33.23
C TYR B 90 -17.57 -1.95 33.17
N LEU B 91 -18.09 -2.31 34.35
CA LEU B 91 -19.31 -3.07 34.51
C LEU B 91 -20.29 -2.27 35.37
N MET B 92 -21.57 -2.27 34.95
CA MET B 92 -22.66 -1.66 35.68
C MET B 92 -22.80 -2.33 37.04
N ARG B 93 -23.07 -1.53 38.08
CA ARG B 93 -23.30 -2.03 39.43
C ARG B 93 -24.80 -2.07 39.71
N ASP B 94 -25.55 -1.20 39.03
CA ASP B 94 -27.00 -1.15 39.13
C ASP B 94 -27.58 -2.48 38.66
N SER B 95 -28.30 -3.17 39.54
CA SER B 95 -28.73 -4.53 39.29
C SER B 95 -30.22 -4.71 39.63
N ARG B 96 -30.82 -5.75 39.05
CA ARG B 96 -32.21 -6.11 39.27
C ARG B 96 -32.29 -7.57 39.72
N ARG B 97 -33.25 -7.86 40.61
CA ARG B 97 -33.60 -9.21 40.98
C ARG B 97 -34.78 -9.66 40.11
N THR B 98 -35.01 -10.97 40.00
CA THR B 98 -36.13 -11.47 39.22
C THR B 98 -36.87 -12.59 39.95
N PRO B 99 -36.36 -13.85 39.98
CA PRO B 99 -37.08 -14.96 40.62
C PRO B 99 -36.69 -15.17 42.08
N ASP B 100 -35.46 -15.62 42.31
CA ASP B 100 -34.87 -15.69 43.64
C ASP B 100 -34.07 -14.43 43.96
N GLY B 101 -32.98 -14.61 44.72
CA GLY B 101 -32.10 -13.52 45.08
C GLY B 101 -31.37 -12.94 43.86
N HIS B 102 -30.85 -13.87 43.03
CA HIS B 102 -30.18 -13.61 41.76
C HIS B 102 -30.25 -12.13 41.35
N PRO B 103 -29.18 -11.35 41.61
CA PRO B 103 -29.06 -9.99 41.05
C PRO B 103 -28.39 -10.00 39.67
N VAL B 104 -28.94 -9.21 38.74
CA VAL B 104 -28.42 -9.14 37.38
C VAL B 104 -28.20 -7.67 36.99
N ARG B 105 -27.02 -7.41 36.42
CA ARG B 105 -26.54 -6.06 36.11
C ARG B 105 -27.33 -5.50 34.93
N GLN B 106 -27.73 -4.22 35.06
CA GLN B 106 -28.59 -3.54 34.11
C GLN B 106 -27.77 -3.03 32.92
N SER B 107 -28.48 -2.54 31.91
CA SER B 107 -27.87 -2.01 30.69
C SER B 107 -27.19 -0.67 30.96
N TYR B 108 -26.12 -0.41 30.20
CA TYR B 108 -25.34 0.81 30.29
C TYR B 108 -26.14 2.00 29.77
N ARG B 109 -27.22 1.71 29.02
CA ARG B 109 -28.07 2.75 28.45
C ARG B 109 -28.82 3.49 29.55
N LEU B 110 -28.99 2.85 30.70
CA LEU B 110 -29.73 3.40 31.82
C LEU B 110 -28.89 4.47 32.53
N LEU B 111 -27.57 4.32 32.43
CA LEU B 111 -26.62 5.21 33.11
C LEU B 111 -26.61 6.56 32.42
N SER B 112 -26.84 7.62 33.22
CA SER B 112 -26.89 8.99 32.71
C SER B 112 -25.50 9.62 32.78
N HIS B 113 -24.98 9.77 34.02
CA HIS B 113 -23.63 10.27 34.25
C HIS B 113 -22.74 9.11 34.69
N ILE B 114 -21.59 8.98 34.01
CA ILE B 114 -20.67 7.87 34.24
C ILE B 114 -19.60 8.30 35.23
N ASN B 115 -19.53 7.56 36.35
CA ASN B 115 -18.43 7.68 37.30
C ASN B 115 -17.69 6.35 37.37
N ARG B 116 -16.38 6.40 37.08
CA ARG B 116 -15.53 5.23 36.93
C ARG B 116 -15.44 4.47 38.25
N ASP B 117 -15.38 5.23 39.35
CA ASP B 117 -15.19 4.67 40.69
C ASP B 117 -16.47 3.99 41.17
N LYS B 118 -17.59 4.27 40.50
CA LYS B 118 -18.87 3.67 40.86
C LYS B 118 -19.20 2.53 39.89
N LEU B 119 -18.16 1.96 39.27
CA LEU B 119 -18.29 0.81 38.38
C LEU B 119 -17.30 -0.26 38.82
N ASP B 120 -17.47 -1.49 38.30
CA ASP B 120 -16.58 -2.60 38.60
C ASP B 120 -15.65 -2.85 37.41
N ILE B 121 -14.42 -3.28 37.71
CA ILE B 121 -13.45 -3.64 36.68
C ILE B 121 -13.45 -5.16 36.55
N PHE B 122 -13.54 -5.63 35.30
CA PHE B 122 -13.78 -7.03 35.00
C PHE B 122 -12.96 -7.42 33.77
N ARG B 123 -12.27 -8.56 33.85
CA ARG B 123 -11.55 -9.05 32.68
C ARG B 123 -12.37 -10.12 31.97
N ILE B 124 -12.52 -9.94 30.65
CA ILE B 124 -13.29 -10.84 29.81
C ILE B 124 -12.37 -11.93 29.29
N GLU B 125 -12.80 -13.18 29.48
CA GLU B 125 -12.02 -14.33 29.04
C GLU B 125 -12.76 -15.07 27.92
N LYS B 126 -14.09 -15.15 28.05
CA LYS B 126 -14.91 -15.86 27.08
C LYS B 126 -16.09 -14.99 26.68
N LEU B 127 -16.52 -15.14 25.42
CA LEU B 127 -17.66 -14.44 24.86
C LEU B 127 -18.48 -15.44 24.05
N TRP B 128 -19.81 -15.42 24.25
CA TRP B 128 -20.67 -16.36 23.55
C TRP B 128 -22.05 -15.76 23.30
N LYS B 129 -22.74 -16.31 22.29
CA LYS B 129 -24.15 -16.09 22.07
C LYS B 129 -24.90 -17.35 22.46
N ASN B 130 -26.02 -17.18 23.18
CA ASN B 130 -26.87 -18.29 23.55
C ASN B 130 -27.81 -18.62 22.39
N GLU B 131 -28.84 -19.43 22.69
CA GLU B 131 -29.77 -19.97 21.72
C GLU B 131 -30.61 -18.86 21.11
N LYS B 132 -30.87 -17.81 21.91
CA LYS B 132 -31.72 -16.70 21.50
C LYS B 132 -30.86 -15.54 21.01
N GLU B 133 -29.56 -15.81 20.79
CA GLU B 133 -28.58 -14.88 20.27
C GLU B 133 -28.30 -13.75 21.27
N GLU B 134 -28.57 -14.00 22.55
CA GLU B 134 -28.22 -13.06 23.60
C GLU B 134 -26.73 -13.20 23.91
N ARG B 135 -26.04 -12.05 23.96
CA ARG B 135 -24.59 -12.01 24.10
C ARG B 135 -24.21 -11.98 25.58
N PHE B 136 -23.16 -12.73 25.91
CA PHE B 136 -22.69 -12.86 27.28
C PHE B 136 -21.17 -12.88 27.30
N ALA B 137 -20.60 -12.48 28.45
CA ALA B 137 -19.16 -12.54 28.68
C ALA B 137 -18.91 -13.31 29.98
N PHE B 138 -17.71 -13.91 30.07
CA PHE B 138 -17.30 -14.62 31.27
C PHE B 138 -15.89 -14.17 31.64
N GLY B 139 -15.66 -14.03 32.95
CA GLY B 139 -14.35 -13.65 33.48
C GLY B 139 -14.40 -13.31 34.96
N HIS B 140 -13.37 -12.60 35.42
CA HIS B 140 -13.15 -12.36 36.83
C HIS B 140 -13.04 -10.86 37.10
N HIS B 141 -13.24 -10.46 38.37
CA HIS B 141 -13.23 -9.07 38.78
C HIS B 141 -11.82 -8.66 39.19
N TYR B 142 -11.59 -7.33 39.17
CA TYR B 142 -10.44 -6.72 39.82
C TYR B 142 -10.92 -6.01 41.08
N PHE B 143 -10.10 -6.04 42.13
CA PHE B 143 -10.44 -5.41 43.40
C PHE B 143 -9.66 -4.10 43.54
N ARG B 144 -10.37 -3.06 43.98
CA ARG B 144 -9.79 -1.79 44.37
C ARG B 144 -9.17 -1.95 45.76
N PRO B 145 -8.17 -1.10 46.13
CA PRO B 145 -7.49 -1.23 47.43
C PRO B 145 -8.38 -1.25 48.66
N HIS B 146 -9.47 -0.46 48.65
CA HIS B 146 -10.35 -0.36 49.80
C HIS B 146 -11.18 -1.64 49.96
N GLU B 147 -11.26 -2.43 48.88
CA GLU B 147 -12.02 -3.67 48.87
C GLU B 147 -11.15 -4.80 49.39
N THR B 148 -9.85 -4.53 49.58
CA THR B 148 -8.89 -5.54 50.03
C THR B 148 -8.71 -5.46 51.54
N HIS B 149 -8.50 -6.63 52.16
CA HIS B 149 -8.14 -6.71 53.57
C HIS B 149 -6.63 -6.65 53.69
N HIS B 150 -6.11 -5.43 53.90
CA HIS B 150 -4.67 -5.19 53.90
C HIS B 150 -4.24 -4.64 55.25
N SER B 151 -2.96 -4.89 55.58
CA SER B 151 -2.33 -4.35 56.77
C SER B 151 -2.33 -2.82 56.70
N PRO B 152 -2.56 -2.10 57.83
CA PRO B 152 -2.65 -0.64 57.81
C PRO B 152 -1.45 0.06 57.19
N SER B 153 -0.29 -0.61 57.20
CA SER B 153 0.97 -0.04 56.76
C SER B 153 1.14 -0.14 55.25
N ARG B 154 0.26 -0.92 54.59
CA ARG B 154 0.43 -1.24 53.19
C ARG B 154 0.05 -0.05 52.31
N ARG B 155 0.90 0.23 51.32
CA ARG B 155 0.74 1.36 50.42
C ARG B 155 0.33 0.86 49.03
N PHE B 156 -0.30 1.75 48.26
CA PHE B 156 -0.83 1.41 46.94
C PHE B 156 -0.56 2.56 45.96
N TYR B 157 -0.64 2.24 44.66
CA TYR B 157 -0.74 3.26 43.62
C TYR B 157 -2.18 3.76 43.57
N HIS B 158 -2.38 4.97 43.04
CA HIS B 158 -3.68 5.61 43.01
C HIS B 158 -4.64 4.83 42.11
N ASN B 159 -4.07 4.11 41.14
CA ASN B 159 -4.83 3.40 40.12
C ASN B 159 -4.57 1.90 40.22
N GLU B 160 -4.10 1.46 41.40
CA GLU B 160 -3.72 0.07 41.59
C GLU B 160 -4.97 -0.79 41.80
N LEU B 161 -5.02 -1.92 41.07
CA LEU B 161 -6.08 -2.90 41.19
C LEU B 161 -5.49 -4.25 41.57
N PHE B 162 -6.36 -5.19 41.96
CA PHE B 162 -5.93 -6.50 42.39
C PHE B 162 -6.79 -7.58 41.73
N ARG B 163 -6.12 -8.54 41.07
CA ARG B 163 -6.78 -9.66 40.43
C ARG B 163 -7.34 -10.60 41.48
N VAL B 164 -8.62 -10.98 41.33
CA VAL B 164 -9.27 -11.85 42.29
C VAL B 164 -9.95 -13.01 41.55
N PRO B 165 -9.85 -14.26 42.06
CA PRO B 165 -10.52 -15.40 41.44
C PRO B 165 -12.01 -15.42 41.74
N LEU B 166 -12.69 -14.34 41.35
CA LEU B 166 -14.13 -14.20 41.50
C LEU B 166 -14.75 -14.04 40.12
N TYR B 167 -15.31 -15.14 39.60
CA TYR B 167 -15.77 -15.22 38.23
C TYR B 167 -17.28 -15.04 38.15
N GLU B 168 -17.76 -14.58 36.98
CA GLU B 168 -19.15 -14.20 36.81
C GLU B 168 -19.51 -14.27 35.33
N ILE B 169 -20.75 -14.72 35.06
CA ILE B 169 -21.36 -14.58 33.74
C ILE B 169 -22.13 -13.26 33.73
N ILE B 170 -21.82 -12.39 32.75
CA ILE B 170 -22.45 -11.08 32.65
C ILE B 170 -23.11 -10.93 31.29
N PRO B 171 -24.29 -10.26 31.20
CA PRO B 171 -24.86 -9.88 29.92
C PRO B 171 -24.03 -8.72 29.35
N LEU B 172 -23.75 -8.77 28.04
CA LEU B 172 -22.81 -7.86 27.42
C LEU B 172 -23.27 -6.41 27.60
N GLU B 173 -24.58 -6.22 27.83
CA GLU B 173 -25.19 -4.91 27.95
C GLU B 173 -24.70 -4.20 29.20
N ALA B 174 -24.12 -4.97 30.13
CA ALA B 174 -23.66 -4.44 31.42
C ALA B 174 -22.31 -3.74 31.28
N VAL B 175 -21.65 -3.92 30.13
CA VAL B 175 -20.39 -3.25 29.84
C VAL B 175 -20.68 -1.78 29.53
N VAL B 176 -20.00 -0.89 30.27
CA VAL B 176 -20.11 0.55 30.05
C VAL B 176 -19.06 0.97 29.03
N GLY B 177 -17.84 0.44 29.18
CA GLY B 177 -16.73 0.75 28.29
C GLY B 177 -15.48 -0.04 28.64
N THR B 178 -14.41 0.16 27.86
CA THR B 178 -13.14 -0.53 28.07
C THR B 178 -12.21 0.32 28.93
N CYS B 179 -11.36 -0.36 29.69
CA CYS B 179 -10.22 0.25 30.36
C CYS B 179 -8.97 -0.56 30.05
N CYS B 180 -7.84 -0.19 30.68
CA CYS B 180 -6.55 -0.77 30.38
C CYS B 180 -5.83 -1.10 31.69
N VAL B 181 -5.61 -2.40 31.91
CA VAL B 181 -4.94 -2.88 33.12
C VAL B 181 -3.56 -3.41 32.74
N LEU B 182 -2.52 -2.81 33.33
CA LEU B 182 -1.14 -3.11 32.99
C LEU B 182 -0.35 -3.46 34.25
N ASP B 183 0.78 -4.14 34.06
CA ASP B 183 1.79 -4.29 35.10
C ASP B 183 2.58 -2.99 35.21
N LEU B 184 3.27 -2.80 36.33
CA LEU B 184 4.02 -1.59 36.61
C LEU B 184 4.94 -1.25 35.44
N TYR B 185 5.73 -2.25 35.01
CA TYR B 185 6.74 -2.08 33.97
C TYR B 185 6.12 -1.50 32.71
N THR B 186 4.97 -2.05 32.29
CA THR B 186 4.30 -1.64 31.07
C THR B 186 3.72 -0.23 31.27
N TYR B 187 3.13 0.01 32.44
CA TYR B 187 2.53 1.29 32.79
C TYR B 187 3.58 2.39 32.66
N CYS B 188 4.81 2.08 33.07
CA CYS B 188 5.90 3.04 33.11
C CYS B 188 6.49 3.26 31.72
N LYS B 189 6.36 2.24 30.85
CA LYS B 189 7.01 2.26 29.55
C LYS B 189 6.19 3.08 28.55
N GLY B 190 4.87 2.86 28.53
CA GLY B 190 4.01 3.56 27.58
C GLY B 190 2.52 3.22 27.71
N ARG B 191 1.76 3.61 26.69
CA ARG B 191 0.32 3.44 26.64
C ARG B 191 -0.07 2.76 25.33
N PRO B 192 -1.07 1.86 25.33
CA PRO B 192 -1.70 1.40 24.09
C PRO B 192 -2.40 2.58 23.42
N LYS B 193 -2.36 2.60 22.08
CA LYS B 193 -2.95 3.68 21.31
C LYS B 193 -4.45 3.72 21.53
N GLY B 194 -4.96 4.92 21.85
CA GLY B 194 -6.39 5.19 21.88
C GLY B 194 -6.97 5.28 23.29
N VAL B 195 -6.16 4.94 24.30
CA VAL B 195 -6.67 4.79 25.66
C VAL B 195 -6.49 6.11 26.43
N LYS B 196 -7.49 6.45 27.23
CA LYS B 196 -7.41 7.59 28.15
C LYS B 196 -6.65 7.16 29.40
N GLU B 197 -5.86 8.10 29.95
CA GLU B 197 -5.10 7.89 31.17
C GLU B 197 -6.04 7.52 32.32
N GLN B 198 -7.23 8.14 32.32
CA GLN B 198 -8.23 7.92 33.36
C GLN B 198 -8.71 6.48 33.36
N ASP B 199 -8.42 5.76 32.27
CA ASP B 199 -8.83 4.37 32.10
C ASP B 199 -7.63 3.44 32.20
N VAL B 200 -6.52 3.94 32.75
CA VAL B 200 -5.29 3.15 32.87
C VAL B 200 -5.07 2.79 34.33
N TYR B 201 -4.80 1.52 34.58
CA TYR B 201 -4.68 0.96 35.93
C TYR B 201 -3.46 0.06 36.02
N ILE B 202 -2.97 -0.15 37.25
CA ILE B 202 -1.83 -1.00 37.52
C ILE B 202 -2.30 -2.20 38.34
N CYS B 203 -1.87 -3.40 37.91
CA CYS B 203 -2.08 -4.63 38.67
C CYS B 203 -0.82 -5.48 38.58
N ASP B 204 -0.24 -5.78 39.74
CA ASP B 204 0.95 -6.63 39.81
C ASP B 204 0.70 -7.79 40.76
N TYR B 205 -0.45 -7.75 41.46
CA TYR B 205 -0.73 -8.71 42.51
C TYR B 205 -2.12 -9.30 42.33
N ARG B 206 -2.27 -10.55 42.77
CA ARG B 206 -3.54 -11.25 42.83
C ARG B 206 -3.88 -11.53 44.29
N LEU B 207 -5.15 -11.80 44.56
CA LEU B 207 -5.60 -12.13 45.90
C LEU B 207 -6.19 -13.53 45.91
N ASP B 208 -6.67 -13.95 47.09
CA ASP B 208 -7.46 -15.16 47.24
C ASP B 208 -8.93 -14.76 47.35
N LYS B 209 -9.81 -15.77 47.42
CA LYS B 209 -11.25 -15.58 47.45
C LYS B 209 -11.66 -14.75 48.67
N SER B 210 -10.77 -14.67 49.67
CA SER B 210 -11.03 -13.92 50.88
C SER B 210 -10.48 -12.50 50.76
N ALA B 211 -9.44 -12.34 49.94
CA ALA B 211 -8.80 -11.05 49.66
C ALA B 211 -8.04 -10.55 50.89
N HIS B 212 -7.31 -11.47 51.53
CA HIS B 212 -6.44 -11.16 52.65
C HIS B 212 -4.98 -11.34 52.24
N LEU B 213 -4.75 -12.25 51.29
CA LEU B 213 -3.41 -12.67 50.91
C LEU B 213 -3.06 -12.10 49.54
N PHE B 214 -1.83 -11.56 49.43
CA PHE B 214 -1.35 -10.91 48.23
C PHE B 214 -0.21 -11.73 47.61
N TYR B 215 -0.35 -12.05 46.32
CA TYR B 215 0.67 -12.79 45.59
C TYR B 215 1.04 -12.03 44.32
N LYS B 216 2.36 -11.91 44.08
CA LYS B 216 2.88 -11.27 42.89
C LYS B 216 2.57 -12.15 41.67
N ILE B 217 2.19 -11.50 40.57
CA ILE B 217 1.94 -12.17 39.30
C ILE B 217 3.24 -12.18 38.50
N HIS B 218 3.59 -13.35 37.97
CA HIS B 218 4.85 -13.54 37.24
C HIS B 218 4.57 -13.61 35.74
N ARG B 219 3.47 -14.27 35.37
CA ARG B 219 3.10 -14.45 33.97
C ARG B 219 1.85 -13.64 33.66
N ASN B 220 1.99 -12.69 32.72
CA ASN B 220 0.87 -11.95 32.17
C ASN B 220 0.07 -12.86 31.25
N ARG B 221 -1.24 -12.98 31.53
CA ARG B 221 -2.11 -13.85 30.76
C ARG B 221 -2.37 -13.23 29.38
N TYR B 222 -2.42 -11.90 29.34
CA TYR B 222 -2.70 -11.17 28.11
C TYR B 222 -1.62 -10.10 27.89
N PRO B 223 -0.39 -10.50 27.48
CA PRO B 223 0.68 -9.54 27.21
C PRO B 223 0.27 -8.55 26.11
N VAL B 224 0.58 -7.26 26.33
CA VAL B 224 0.18 -6.23 25.38
C VAL B 224 1.30 -6.05 24.35
N CYS B 225 0.87 -5.77 23.12
CA CYS B 225 1.75 -5.52 21.99
C CYS B 225 2.40 -4.14 22.16
N THR B 226 3.73 -4.11 22.10
CA THR B 226 4.47 -2.88 22.36
C THR B 226 5.05 -2.31 21.07
N LYS B 227 4.61 -2.85 19.92
CA LYS B 227 5.03 -2.35 18.61
C LYS B 227 4.51 -0.92 18.42
N PRO B 228 5.31 -0.02 17.82
CA PRO B 228 4.98 1.41 17.75
C PRO B 228 3.64 1.77 17.12
N TYR B 229 3.17 0.93 16.20
CA TYR B 229 1.90 1.15 15.52
C TYR B 229 0.73 0.85 16.47
N ALA B 230 1.05 0.19 17.60
CA ALA B 230 0.05 -0.26 18.55
C ALA B 230 0.27 0.40 19.91
N PHE B 231 1.48 0.96 20.11
CA PHE B 231 1.95 1.36 21.42
C PHE B 231 2.81 2.61 21.30
N ASP B 232 2.46 3.64 22.07
CA ASP B 232 3.26 4.86 22.15
C ASP B 232 4.18 4.77 23.37
N HIS B 233 5.48 4.74 23.12
CA HIS B 233 6.49 4.66 24.16
C HIS B 233 6.74 6.04 24.75
N PHE B 234 6.74 6.14 26.08
CA PHE B 234 7.19 7.35 26.77
C PHE B 234 8.69 7.53 26.52
N PRO B 235 9.15 8.75 26.14
CA PRO B 235 10.57 8.98 25.88
C PRO B 235 11.42 8.71 27.12
N LYS B 236 10.80 8.86 28.28
CA LYS B 236 11.42 8.55 29.57
C LYS B 236 10.44 7.72 30.40
N LYS B 237 10.99 6.72 31.10
CA LYS B 237 10.22 5.83 31.96
C LYS B 237 9.50 6.66 33.03
N LEU B 238 8.26 6.28 33.35
CA LEU B 238 7.48 6.94 34.38
C LEU B 238 8.04 6.56 35.75
N THR B 239 7.79 7.43 36.74
CA THR B 239 8.29 7.25 38.09
C THR B 239 7.15 7.45 39.09
N PRO B 240 6.13 6.55 39.13
CA PRO B 240 5.04 6.67 40.10
C PRO B 240 5.51 6.24 41.49
N LYS B 241 4.90 6.86 42.51
CA LYS B 241 5.24 6.58 43.91
C LYS B 241 3.97 6.16 44.65
N LYS B 242 4.10 5.08 45.44
CA LYS B 242 2.98 4.49 46.15
C LYS B 242 2.69 5.28 47.42
N ASP B 243 1.48 5.86 47.50
CA ASP B 243 0.95 6.45 48.72
C ASP B 243 -0.51 6.86 48.50
#